data_3DRF
#
_entry.id   3DRF
#
_cell.length_a   59.114
_cell.length_b   74.650
_cell.length_c   115.445
_cell.angle_alpha   90.000
_cell.angle_beta   90.000
_cell.angle_gamma   90.000
#
_symmetry.space_group_name_H-M   'P 21 21 21'
#
loop_
_entity.id
_entity.type
_entity.pdbx_description
1 polymer 'Oligopeptide-binding protein oppA'
2 polymer 'endogenous peptide'
3 water water
#
loop_
_entity_poly.entity_id
_entity_poly.type
_entity_poly.pdbx_seq_one_letter_code
_entity_poly.pdbx_strand_id
1 'polypeptide(L)'
;MGSNQSSSTSTKKLKAGNFDVAYQNPDKAIKGGNLKVAYQSDSPMKAQWLSGLSNDATFATMSGPGGGQDGLFFTDSGFK
FIKGGAADVALDKESKTATITLRKDLKWSDGSEVTAKDYEFTYETIANPAYGSDRWTDSLANIVGLSDYHTGKAKTISGI
TFPDGENGKVIKVQFKEMKPGMTQSGNGYFLETVAPYQYLKDVAPKDLASSPKTTTKPLVTGPFKPENVVAGESIKYVPN
PYYWGEKPKLNSITYEVVSTAKSVAALSSSKYDIINGMVSSQYKQVKNLKGYKVLGQQAMYISLMYYNLGHYDAKNSINV
QDRKTPLQDQNVRQAIGYARNVAEVDNKFSNGLSTPANSLIPPIFKQFTSSSVKGYEKQDLDKANKLLDEDGWKLNKSTG
YREKDGKELSLVYAARVGDANAETIAQNYIQQWKKIGVKVSLYNGKLMEFNSWVDHMTTPPGANDWDITDGSWSLASEPS
QQDLFSAAAPYNFGHFNDSEITKDLNDIDSAKSENPTYRKAAFVKYQEDMNKKAYVIPTNFMLNYTPVNKRVVGMTLDYG
AMNTWSEIGVSSAKLATKGSIEGRHHHHHH
;
A
2 'polypeptide(L)' ASNSIASG B
#
# COMPACT_ATOMS: atom_id res chain seq x y z
N GLY A 32 -18.38 23.08 18.47
CA GLY A 32 -18.78 22.11 17.49
C GLY A 32 -19.01 20.66 17.99
N GLY A 33 -19.32 19.78 17.05
CA GLY A 33 -19.77 18.45 17.35
C GLY A 33 -18.69 17.42 17.67
N ASN A 34 -19.15 16.21 17.95
CA ASN A 34 -18.28 15.09 18.31
C ASN A 34 -18.56 13.94 17.36
N LEU A 35 -17.66 13.77 16.42
CA LEU A 35 -17.85 12.81 15.33
C LEU A 35 -17.34 11.44 15.73
N LYS A 36 -18.01 10.43 15.27
CA LYS A 36 -17.62 9.05 15.55
C LYS A 36 -17.35 8.34 14.22
N VAL A 37 -16.11 7.90 14.03
CA VAL A 37 -15.68 7.23 12.81
C VAL A 37 -15.09 5.87 13.14
N ALA A 38 -15.27 4.91 12.25
CA ALA A 38 -14.59 3.63 12.30
C ALA A 38 -13.93 3.25 10.97
N TYR A 39 -12.95 2.37 11.12
CA TYR A 39 -12.36 1.62 9.99
C TYR A 39 -12.65 0.14 10.19
N GLN A 40 -13.13 -0.50 9.14
CA GLN A 40 -13.44 -1.91 9.20
C GLN A 40 -12.15 -2.76 9.14
N SER A 41 -11.96 -3.47 10.23
CA SER A 41 -10.80 -4.31 10.37
C SER A 41 -11.08 -5.43 11.36
N ASP A 42 -10.77 -6.64 10.96
CA ASP A 42 -10.86 -7.80 11.84
C ASP A 42 -9.59 -8.00 12.72
N SER A 43 -8.52 -7.30 12.39
CA SER A 43 -7.31 -7.29 13.20
C SER A 43 -7.18 -6.02 14.04
N PRO A 44 -6.48 -6.10 15.16
CA PRO A 44 -6.20 -4.92 15.97
C PRO A 44 -5.45 -3.85 15.17
N MET A 45 -5.76 -2.60 15.49
CA MET A 45 -5.03 -1.47 14.98
C MET A 45 -3.55 -1.55 15.38
N LYS A 46 -2.67 -1.18 14.49
CA LYS A 46 -1.23 -1.08 14.76
C LYS A 46 -0.87 0.39 14.66
N ALA A 47 -0.97 1.08 15.79
CA ALA A 47 -0.62 2.51 15.83
C ALA A 47 0.88 2.71 15.55
N GLN A 48 1.14 3.44 14.49
CA GLN A 48 2.54 3.84 14.11
C GLN A 48 2.45 5.14 13.36
N TRP A 49 2.88 6.22 14.02
CA TRP A 49 2.66 7.56 13.47
C TRP A 49 3.73 8.01 12.48
N LEU A 50 4.79 7.23 12.40
CA LEU A 50 5.87 7.49 11.40
C LEU A 50 5.63 6.68 10.15
N SER A 51 5.43 7.45 9.06
N SER A 51 5.49 7.47 9.09
CA SER A 51 5.14 6.81 7.76
CA SER A 51 5.15 6.95 7.80
C SER A 51 6.13 5.73 7.41
C SER A 51 6.12 5.84 7.30
N GLY A 52 7.42 5.99 7.61
CA GLY A 52 8.46 5.07 7.17
C GLY A 52 8.36 3.72 7.85
N LEU A 53 7.80 3.67 9.06
CA LEU A 53 7.75 2.42 9.83
C LEU A 53 6.37 1.72 9.79
N SER A 54 5.42 2.30 9.08
CA SER A 54 4.03 1.80 9.04
C SER A 54 3.77 1.24 7.64
N ASN A 55 3.28 0.01 7.57
CA ASN A 55 3.06 -0.66 6.28
C ASN A 55 1.61 -0.79 5.82
N ASP A 56 0.68 -0.59 6.73
CA ASP A 56 -0.72 -0.94 6.48
C ASP A 56 -1.64 0.26 6.25
N ALA A 57 -2.64 0.02 5.43
CA ALA A 57 -3.61 1.03 5.04
C ALA A 57 -4.58 1.37 6.18
N THR A 58 -4.80 0.42 7.06
CA THR A 58 -5.73 0.61 8.20
C THR A 58 -5.28 1.81 9.05
N PHE A 59 -4.07 1.75 9.56
CA PHE A 59 -3.61 2.86 10.41
C PHE A 59 -3.32 4.15 9.59
N ALA A 60 -2.80 3.99 8.39
CA ALA A 60 -2.61 5.16 7.54
C ALA A 60 -3.92 5.95 7.40
N THR A 61 -5.02 5.23 7.22
CA THR A 61 -6.34 5.86 7.11
C THR A 61 -6.79 6.47 8.45
N MET A 62 -6.66 5.73 9.53
CA MET A 62 -7.03 6.24 10.89
C MET A 62 -6.22 7.45 11.36
N SER A 63 -5.02 7.63 10.81
CA SER A 63 -4.17 8.78 11.10
C SER A 63 -4.60 10.08 10.39
N GLY A 64 -5.62 10.00 9.53
CA GLY A 64 -6.00 11.13 8.70
C GLY A 64 -6.22 12.46 9.44
N PRO A 65 -7.07 12.44 10.48
CA PRO A 65 -7.32 13.68 11.22
C PRO A 65 -6.06 14.31 11.86
N GLY A 66 -5.07 13.46 12.13
CA GLY A 66 -3.80 13.94 12.68
C GLY A 66 -2.76 14.37 11.65
N GLY A 67 -3.12 14.38 10.36
CA GLY A 67 -2.21 14.79 9.32
C GLY A 67 -1.81 13.64 8.39
N GLY A 68 -2.36 12.45 8.57
CA GLY A 68 -2.04 11.32 7.66
C GLY A 68 -0.58 10.90 7.70
N GLN A 69 -0.06 10.80 8.91
CA GLN A 69 1.40 10.55 9.20
C GLN A 69 2.27 11.70 8.65
N ASP A 70 1.74 12.90 8.85
CA ASP A 70 2.43 14.18 8.68
C ASP A 70 2.91 14.44 7.23
N GLY A 71 1.96 14.21 6.36
CA GLY A 71 2.08 14.59 4.96
C GLY A 71 2.21 16.09 4.79
N LEU A 72 3.02 16.51 3.82
CA LEU A 72 3.38 17.93 3.65
C LEU A 72 2.66 18.70 2.54
N PHE A 73 2.32 18.01 1.46
CA PHE A 73 1.94 18.71 0.21
C PHE A 73 0.47 18.59 -0.14
N PHE A 74 -0.07 19.66 -0.68
CA PHE A 74 -1.41 19.63 -1.27
C PHE A 74 -1.27 19.25 -2.73
N THR A 75 -2.37 18.76 -3.28
CA THR A 75 -2.46 18.42 -4.71
C THR A 75 -3.80 18.84 -5.27
N ASP A 76 -3.86 18.87 -6.58
CA ASP A 76 -5.15 18.99 -7.29
C ASP A 76 -5.79 17.61 -7.43
N SER A 77 -6.93 17.54 -8.12
CA SER A 77 -7.67 16.30 -8.22
C SER A 77 -6.98 15.25 -9.12
N GLY A 78 -5.98 15.66 -9.87
CA GLY A 78 -5.12 14.75 -10.64
C GLY A 78 -3.80 14.35 -9.95
N PHE A 79 -3.71 14.71 -8.67
CA PHE A 79 -2.58 14.34 -7.73
C PHE A 79 -1.31 15.16 -8.02
N LYS A 80 -1.41 16.14 -8.84
CA LYS A 80 -0.30 17.01 -9.14
C LYS A 80 -0.06 17.98 -7.99
N PHE A 81 1.17 18.16 -7.54
CA PHE A 81 1.45 19.09 -6.43
C PHE A 81 1.02 20.51 -6.76
N ILE A 82 0.44 21.15 -5.75
CA ILE A 82 0.14 22.56 -5.79
C ILE A 82 0.79 23.21 -4.56
N LYS A 83 0.80 24.52 -4.58
CA LYS A 83 1.27 25.32 -3.45
C LYS A 83 0.19 25.43 -2.37
N GLY A 84 0.58 25.66 -1.13
CA GLY A 84 -0.37 26.04 -0.11
C GLY A 84 -0.58 25.06 1.02
N GLY A 85 -0.01 23.88 0.94
CA GLY A 85 -0.11 22.92 2.05
C GLY A 85 0.85 23.26 3.17
N ALA A 86 1.19 22.25 3.98
CA ALA A 86 2.18 22.43 5.05
C ALA A 86 3.54 22.86 4.53
N ALA A 87 3.82 22.45 3.29
CA ALA A 87 5.05 22.82 2.59
C ALA A 87 4.75 22.91 1.09
N ASP A 88 5.67 23.57 0.40
CA ASP A 88 5.69 23.59 -1.10
C ASP A 88 6.97 22.88 -1.58
N VAL A 89 6.89 22.34 -2.80
CA VAL A 89 8.04 21.74 -3.45
C VAL A 89 8.22 22.40 -4.84
N ALA A 90 9.46 22.72 -5.16
CA ALA A 90 9.85 23.26 -6.47
C ALA A 90 10.89 22.35 -7.12
N LEU A 91 10.63 21.90 -8.33
CA LEU A 91 11.58 21.11 -9.12
C LEU A 91 12.45 21.98 -9.98
N ASP A 92 13.73 21.73 -10.02
CA ASP A 92 14.67 22.33 -10.98
C ASP A 92 15.31 21.22 -11.78
N LYS A 93 14.77 21.06 -12.97
CA LYS A 93 15.18 19.97 -13.87
C LYS A 93 16.60 20.11 -14.45
N GLU A 94 17.10 21.34 -14.45
CA GLU A 94 18.49 21.60 -14.95
C GLU A 94 19.53 21.20 -13.90
N SER A 95 19.32 21.66 -12.67
CA SER A 95 20.14 21.30 -11.53
C SER A 95 19.85 19.87 -11.05
N LYS A 96 18.68 19.34 -11.39
CA LYS A 96 18.17 18.00 -10.97
C LYS A 96 17.93 17.96 -9.44
N THR A 97 17.20 18.96 -8.97
CA THR A 97 16.90 19.07 -7.55
C THR A 97 15.38 19.26 -7.30
N ALA A 98 14.98 18.89 -6.09
CA ALA A 98 13.72 19.31 -5.46
C ALA A 98 14.10 20.18 -4.25
N THR A 99 13.42 21.30 -4.13
CA THR A 99 13.59 22.19 -2.99
C THR A 99 12.26 22.28 -2.27
N ILE A 100 12.28 21.87 -0.99
CA ILE A 100 11.10 21.80 -0.15
C ILE A 100 11.16 23.00 0.82
N THR A 101 10.10 23.80 0.84
CA THR A 101 9.98 24.94 1.77
C THR A 101 8.80 24.71 2.73
N LEU A 102 9.15 24.47 3.98
CA LEU A 102 8.14 24.29 5.03
C LEU A 102 7.53 25.69 5.38
N ARG A 103 6.24 25.71 5.66
CA ARG A 103 5.63 26.97 6.15
C ARG A 103 6.35 27.50 7.39
N LYS A 104 6.49 28.80 7.46
CA LYS A 104 7.08 29.47 8.65
C LYS A 104 6.40 29.07 9.96
N ASP A 105 5.09 28.94 9.91
CA ASP A 105 4.26 28.63 11.10
C ASP A 105 3.86 27.15 11.23
N LEU A 106 4.52 26.32 10.48
CA LEU A 106 4.33 24.86 10.67
C LEU A 106 5.01 24.38 11.95
N LYS A 107 4.18 23.85 12.83
CA LYS A 107 4.60 23.39 14.14
C LYS A 107 4.13 21.93 14.40
N TRP A 108 4.82 21.29 15.31
CA TRP A 108 4.34 20.07 15.96
C TRP A 108 3.28 20.40 17.03
N SER A 109 2.57 19.35 17.46
CA SER A 109 1.45 19.51 18.38
C SER A 109 1.89 19.86 19.84
N ASP A 110 3.18 19.92 20.09
CA ASP A 110 3.71 20.43 21.37
C ASP A 110 4.15 21.90 21.21
N GLY A 111 3.89 22.52 20.06
CA GLY A 111 4.26 23.92 19.83
C GLY A 111 5.69 24.17 19.28
N SER A 112 6.49 23.11 19.17
CA SER A 112 7.83 23.22 18.60
C SER A 112 7.80 23.34 17.06
N GLU A 113 8.89 23.87 16.56
N GLU A 113 8.84 23.91 16.53
CA GLU A 113 9.00 24.10 15.12
CA GLU A 113 8.88 24.13 15.08
C GLU A 113 9.13 22.80 14.34
C GLU A 113 9.14 22.85 14.32
N VAL A 114 8.40 22.68 13.21
CA VAL A 114 8.84 21.72 12.19
C VAL A 114 9.95 22.31 11.34
N THR A 115 11.07 21.62 11.29
CA THR A 115 12.30 22.14 10.67
C THR A 115 12.80 21.28 9.52
N ALA A 116 13.80 21.80 8.83
CA ALA A 116 14.49 21.10 7.72
C ALA A 116 14.99 19.72 8.19
N LYS A 117 15.57 19.66 9.38
CA LYS A 117 16.05 18.38 9.92
C LYS A 117 14.93 17.31 10.10
N ASP A 118 13.71 17.75 10.47
CA ASP A 118 12.54 16.82 10.59
C ASP A 118 12.23 16.12 9.26
N TYR A 119 12.40 16.87 8.17
CA TYR A 119 12.20 16.29 6.82
C TYR A 119 13.30 15.26 6.42
N GLU A 120 14.55 15.66 6.61
CA GLU A 120 15.67 14.72 6.39
C GLU A 120 15.54 13.50 7.30
N PHE A 121 15.06 13.69 8.53
CA PHE A 121 14.99 12.55 9.47
C PHE A 121 14.02 11.43 8.99
N THR A 122 12.94 11.79 8.28
CA THR A 122 12.07 10.79 7.61
C THR A 122 12.95 9.81 6.74
N TYR A 123 13.91 10.36 6.00
CA TYR A 123 14.76 9.53 5.12
C TYR A 123 15.60 8.55 5.96
N GLU A 124 16.09 8.98 7.11
CA GLU A 124 16.86 8.11 7.96
C GLU A 124 15.99 7.00 8.51
N THR A 125 14.73 7.29 8.83
CA THR A 125 13.86 6.24 9.38
C THR A 125 13.66 5.07 8.42
N ILE A 126 13.70 5.35 7.11
CA ILE A 126 13.63 4.28 6.10
C ILE A 126 15.02 3.69 5.73
N ALA A 127 16.00 4.56 5.55
CA ALA A 127 17.33 4.16 5.01
C ALA A 127 18.33 3.55 6.01
N ASN A 128 18.27 3.98 7.26
CA ASN A 128 19.13 3.37 8.27
C ASN A 128 18.44 2.08 8.73
N PRO A 129 19.06 0.92 8.48
CA PRO A 129 18.33 -0.35 8.76
C PRO A 129 18.01 -0.61 10.25
N ALA A 130 18.68 0.12 11.14
CA ALA A 130 18.46 -0.08 12.59
C ALA A 130 17.02 0.22 13.06
N TYR A 131 16.28 1.08 12.33
CA TYR A 131 14.87 1.38 12.67
C TYR A 131 13.87 0.29 12.23
N GLY A 132 14.30 -0.65 11.37
CA GLY A 132 13.45 -1.80 10.99
C GLY A 132 12.45 -1.51 9.86
N SER A 133 12.64 -0.44 9.11
CA SER A 133 11.70 -0.14 8.02
C SER A 133 11.70 -1.22 6.94
N ASP A 134 10.53 -1.45 6.34
CA ASP A 134 10.39 -2.38 5.21
C ASP A 134 10.23 -1.58 3.88
N ARG A 135 10.47 -0.27 3.92
CA ARG A 135 10.19 0.61 2.78
C ARG A 135 11.42 1.06 1.92
N TRP A 136 12.54 0.37 2.08
CA TRP A 136 13.66 0.59 1.14
C TRP A 136 13.18 0.15 -0.29
N THR A 137 13.71 0.84 -1.29
CA THR A 137 13.27 0.65 -2.66
C THR A 137 14.35 1.27 -3.56
N ASP A 138 14.46 0.81 -4.80
N ASP A 138 14.44 0.78 -4.80
CA ASP A 138 15.41 1.43 -5.72
CA ASP A 138 15.32 1.38 -5.82
C ASP A 138 15.07 2.88 -6.08
C ASP A 138 15.10 2.88 -5.97
N SER A 139 13.85 3.34 -5.78
CA SER A 139 13.55 4.78 -6.04
C SER A 139 14.48 5.68 -5.21
N LEU A 140 14.78 5.27 -3.98
CA LEU A 140 15.61 6.09 -3.06
C LEU A 140 17.10 6.11 -3.43
N ALA A 141 17.55 5.14 -4.24
CA ALA A 141 18.94 5.11 -4.77
C ALA A 141 19.28 6.28 -5.70
N ASN A 142 18.23 6.93 -6.19
CA ASN A 142 18.35 8.10 -7.08
C ASN A 142 18.63 9.43 -6.37
N ILE A 143 18.63 9.44 -5.05
CA ILE A 143 19.11 10.60 -4.27
C ILE A 143 20.61 10.41 -4.02
N VAL A 144 21.38 11.40 -4.45
CA VAL A 144 22.83 11.35 -4.29
C VAL A 144 23.20 11.05 -2.83
N GLY A 145 24.08 10.06 -2.66
CA GLY A 145 24.55 9.72 -1.31
C GLY A 145 23.65 8.77 -0.50
N LEU A 146 22.44 8.54 -0.95
CA LEU A 146 21.47 7.81 -0.11
C LEU A 146 21.75 6.30 -0.05
N SER A 147 22.20 5.74 -1.17
CA SER A 147 22.61 4.34 -1.18
C SER A 147 23.77 4.11 -0.19
N ASP A 148 24.74 4.99 -0.20
CA ASP A 148 25.94 4.80 0.65
C ASP A 148 25.57 5.03 2.17
N TYR A 149 24.62 5.92 2.43
CA TYR A 149 24.09 6.03 3.79
C TYR A 149 23.38 4.73 4.23
N HIS A 150 22.59 4.17 3.35
CA HIS A 150 21.79 2.93 3.60
C HIS A 150 22.68 1.73 3.95
N THR A 151 23.84 1.63 3.30
CA THR A 151 24.80 0.52 3.58
C THR A 151 25.77 0.88 4.75
N GLY A 152 25.76 2.10 5.26
CA GLY A 152 26.66 2.49 6.35
C GLY A 152 28.02 2.93 5.83
N LYS A 153 28.21 2.97 4.53
CA LYS A 153 29.47 3.54 4.00
C LYS A 153 29.60 5.02 4.27
N ALA A 154 28.51 5.76 4.26
CA ALA A 154 28.50 7.18 4.59
C ALA A 154 27.69 7.37 5.85
N LYS A 155 28.09 8.33 6.65
CA LYS A 155 27.42 8.67 7.93
C LYS A 155 26.41 9.80 7.80
N THR A 156 26.31 10.42 6.61
CA THR A 156 25.26 11.41 6.30
C THR A 156 24.75 11.06 4.91
N ILE A 157 23.65 11.73 4.60
CA ILE A 157 23.05 11.66 3.28
C ILE A 157 23.51 12.90 2.55
N SER A 158 24.53 12.72 1.73
CA SER A 158 25.23 13.86 1.08
C SER A 158 24.31 14.73 0.18
N GLY A 159 23.34 14.08 -0.44
CA GLY A 159 22.39 14.75 -1.35
C GLY A 159 21.29 15.54 -0.70
N ILE A 160 21.19 15.51 0.61
CA ILE A 160 20.19 16.34 1.31
C ILE A 160 20.92 17.42 2.11
N THR A 161 20.67 18.68 1.77
CA THR A 161 21.31 19.80 2.43
C THR A 161 20.26 20.87 2.81
N PHE A 162 20.73 21.81 3.59
CA PHE A 162 19.84 22.77 4.27
C PHE A 162 20.30 24.20 4.01
N PRO A 163 19.72 24.85 3.01
CA PRO A 163 20.14 26.21 2.66
C PRO A 163 19.98 27.23 3.78
N ASP A 164 19.10 27.02 4.76
CA ASP A 164 18.96 27.93 5.91
C ASP A 164 19.18 27.16 7.22
N GLY A 165 20.02 26.15 7.16
CA GLY A 165 20.38 25.33 8.34
C GLY A 165 19.36 24.29 8.72
N GLU A 166 19.78 23.41 9.61
CA GLU A 166 18.94 22.30 10.11
C GLU A 166 17.68 22.80 10.79
N ASN A 167 17.75 23.95 11.42
CA ASN A 167 16.63 24.55 12.14
C ASN A 167 15.84 25.58 11.32
N GLY A 168 16.25 25.74 10.05
CA GLY A 168 15.51 26.50 9.04
C GLY A 168 14.37 25.68 8.44
N LYS A 169 13.82 26.23 7.39
CA LYS A 169 12.58 25.72 6.78
C LYS A 169 12.78 25.15 5.36
N VAL A 170 14.01 25.14 4.91
CA VAL A 170 14.31 24.77 3.48
C VAL A 170 15.22 23.55 3.41
N ILE A 171 14.84 22.63 2.53
CA ILE A 171 15.63 21.44 2.22
C ILE A 171 15.84 21.31 0.71
N LYS A 172 17.09 21.13 0.32
CA LYS A 172 17.45 20.82 -1.07
C LYS A 172 17.77 19.33 -1.17
N VAL A 173 17.13 18.67 -2.10
CA VAL A 173 17.38 17.24 -2.42
C VAL A 173 17.97 17.12 -3.83
N GLN A 174 19.16 16.58 -3.91
CA GLN A 174 19.90 16.38 -5.16
C GLN A 174 19.69 14.98 -5.68
N PHE A 175 19.16 14.92 -6.87
CA PHE A 175 18.95 13.66 -7.59
C PHE A 175 20.08 13.38 -8.57
N LYS A 176 20.19 12.12 -8.95
CA LYS A 176 20.97 11.70 -10.15
C LYS A 176 20.25 12.12 -11.44
N GLU A 177 18.97 11.83 -11.53
CA GLU A 177 18.13 12.26 -12.62
C GLU A 177 16.73 12.60 -12.11
N MET A 178 16.09 13.45 -12.87
CA MET A 178 14.66 13.70 -12.71
C MET A 178 13.89 12.48 -13.20
N LYS A 179 12.70 12.32 -12.66
CA LYS A 179 11.79 11.25 -13.07
C LYS A 179 10.44 11.89 -13.44
N PRO A 180 9.77 11.35 -14.45
CA PRO A 180 8.56 12.01 -15.00
C PRO A 180 7.41 12.12 -13.98
N GLY A 181 7.38 11.22 -13.02
CA GLY A 181 6.35 11.28 -11.99
C GLY A 181 6.55 12.32 -10.85
N MET A 182 7.68 13.01 -10.83
CA MET A 182 8.04 13.93 -9.73
C MET A 182 7.08 15.11 -9.53
N THR A 183 6.30 15.39 -10.56
CA THR A 183 5.24 16.42 -10.47
C THR A 183 4.00 15.97 -9.69
N GLN A 184 3.92 14.67 -9.38
N GLN A 184 3.96 14.71 -9.27
CA GLN A 184 2.76 14.06 -8.70
CA GLN A 184 2.75 14.10 -8.73
C GLN A 184 3.11 13.59 -7.31
C GLN A 184 3.04 13.47 -7.37
N SER A 185 2.14 13.67 -6.42
CA SER A 185 2.26 13.07 -5.11
C SER A 185 2.24 11.53 -5.30
N GLY A 186 3.01 10.86 -4.45
CA GLY A 186 3.12 9.40 -4.49
C GLY A 186 4.20 8.93 -5.46
N ASN A 187 4.99 9.84 -6.03
CA ASN A 187 6.04 9.42 -7.00
C ASN A 187 7.17 8.48 -6.43
N GLY A 188 7.44 8.58 -5.12
CA GLY A 188 8.38 7.70 -4.41
C GLY A 188 9.85 8.11 -4.51
N TYR A 189 10.18 9.02 -5.41
CA TYR A 189 11.58 9.51 -5.62
C TYR A 189 12.02 10.58 -4.61
N PHE A 190 11.07 11.29 -4.04
CA PHE A 190 11.30 12.12 -2.82
C PHE A 190 10.10 11.89 -1.93
N LEU A 191 10.37 11.95 -0.65
CA LEU A 191 9.36 11.64 0.38
C LEU A 191 8.57 12.90 0.75
N GLU A 192 7.48 12.69 1.47
CA GLU A 192 6.47 13.76 1.64
C GLU A 192 6.01 13.94 3.05
N THR A 193 6.73 13.37 4.01
CA THR A 193 6.37 13.48 5.43
C THR A 193 7.57 13.97 6.25
N VAL A 194 7.26 14.46 7.44
CA VAL A 194 8.24 14.83 8.48
C VAL A 194 8.12 13.93 9.72
N ALA A 195 9.22 13.82 10.41
CA ALA A 195 9.31 13.08 11.69
C ALA A 195 9.92 14.01 12.72
N PRO A 196 9.42 13.96 13.95
CA PRO A 196 9.82 14.95 14.96
C PRO A 196 11.18 14.58 15.63
N TYR A 197 12.25 15.00 14.95
CA TYR A 197 13.60 14.62 15.37
C TYR A 197 13.96 15.03 16.82
N GLN A 198 13.65 16.24 17.23
CA GLN A 198 14.00 16.63 18.60
C GLN A 198 13.25 15.80 19.63
N TYR A 199 12.02 15.41 19.33
CA TYR A 199 11.21 14.54 20.24
C TYR A 199 11.74 13.09 20.35
N LEU A 200 12.30 12.59 19.27
CA LEU A 200 12.65 11.18 19.09
C LEU A 200 14.15 10.87 19.15
N LYS A 201 14.98 11.89 19.23
CA LYS A 201 16.44 11.71 19.07
C LYS A 201 17.10 10.93 20.22
N ASP A 202 16.44 10.77 21.35
N ASP A 202 16.40 10.80 21.33
CA ASP A 202 17.02 9.93 22.40
CA ASP A 202 16.88 10.03 22.49
C ASP A 202 16.22 8.64 22.61
C ASP A 202 16.42 8.57 22.50
N VAL A 203 15.62 8.19 21.52
CA VAL A 203 15.06 6.83 21.48
C VAL A 203 15.97 6.02 20.55
N ALA A 204 16.45 4.89 21.03
CA ALA A 204 17.31 4.08 20.20
C ALA A 204 16.58 3.59 18.93
N PRO A 205 17.34 3.53 17.81
CA PRO A 205 16.65 3.16 16.55
C PRO A 205 15.89 1.83 16.64
N LYS A 206 16.49 0.83 17.23
CA LYS A 206 15.85 -0.49 17.34
C LYS A 206 14.55 -0.49 18.17
N ASP A 207 14.43 0.51 19.05
CA ASP A 207 13.27 0.66 19.98
C ASP A 207 12.20 1.66 19.41
N LEU A 208 12.50 2.29 18.31
CA LEU A 208 11.63 3.42 17.89
C LEU A 208 10.21 3.02 17.52
N ALA A 209 10.06 1.92 16.81
CA ALA A 209 8.71 1.48 16.37
C ALA A 209 7.83 1.10 17.53
N SER A 210 8.42 0.59 18.61
N SER A 210 8.42 0.59 18.61
CA SER A 210 7.64 0.17 19.78
CA SER A 210 7.62 0.18 19.77
C SER A 210 7.62 1.21 20.91
C SER A 210 7.50 1.26 20.84
N SER A 211 8.24 2.35 20.68
CA SER A 211 8.24 3.39 21.70
C SER A 211 6.82 4.04 21.84
N PRO A 212 6.45 4.45 23.06
CA PRO A 212 5.20 5.23 23.20
C PRO A 212 5.25 6.48 22.30
N LYS A 213 6.44 7.01 22.03
CA LYS A 213 6.54 8.26 21.28
C LYS A 213 6.19 8.13 19.79
N THR A 214 6.01 6.92 19.27
CA THR A 214 5.54 6.73 17.88
C THR A 214 4.24 5.96 17.81
N THR A 215 3.63 5.68 18.95
CA THR A 215 2.45 4.76 19.04
C THR A 215 1.29 5.42 19.82
N THR A 216 1.46 5.54 21.13
CA THR A 216 0.40 6.08 22.02
C THR A 216 0.55 7.55 22.33
N LYS A 217 1.74 8.09 22.15
CA LYS A 217 2.08 9.45 22.61
C LYS A 217 2.97 10.18 21.58
N PRO A 218 2.47 10.27 20.33
CA PRO A 218 3.26 10.93 19.28
C PRO A 218 3.13 12.44 19.27
N LEU A 219 3.99 13.16 18.56
CA LEU A 219 3.68 14.48 18.04
C LEU A 219 3.19 14.40 16.60
N VAL A 220 2.27 15.30 16.25
CA VAL A 220 1.72 15.37 14.89
C VAL A 220 1.62 16.81 14.45
N THR A 221 1.29 16.96 13.19
CA THR A 221 1.24 18.28 12.55
C THR A 221 -0.17 18.66 11.97
N GLY A 222 -1.12 17.76 12.04
CA GLY A 222 -2.40 17.94 11.38
C GLY A 222 -3.42 18.77 12.18
N PRO A 223 -4.65 18.87 11.65
CA PRO A 223 -5.67 19.75 12.29
C PRO A 223 -6.12 19.21 13.65
N PHE A 224 -5.98 17.93 13.90
CA PHE A 224 -6.28 17.32 15.19
C PHE A 224 -5.01 16.62 15.72
N LYS A 225 -4.94 16.48 17.00
CA LYS A 225 -3.92 15.67 17.67
C LYS A 225 -4.58 14.54 18.43
N PRO A 226 -3.87 13.42 18.54
CA PRO A 226 -4.40 12.27 19.26
C PRO A 226 -4.17 12.45 20.77
N GLU A 227 -5.23 12.88 21.46
N GLU A 227 -5.24 12.85 21.45
CA GLU A 227 -5.15 13.10 22.91
CA GLU A 227 -5.20 13.11 22.89
C GLU A 227 -4.99 11.79 23.65
C GLU A 227 -5.07 11.81 23.69
N ASN A 228 -5.63 10.75 23.18
CA ASN A 228 -5.48 9.41 23.71
C ASN A 228 -5.49 8.35 22.61
N VAL A 229 -4.73 7.31 22.82
CA VAL A 229 -4.68 6.19 21.91
C VAL A 229 -4.78 4.90 22.75
N VAL A 230 -5.78 4.07 22.44
CA VAL A 230 -5.95 2.79 23.09
C VAL A 230 -5.40 1.73 22.12
N ALA A 231 -4.27 1.17 22.48
CA ALA A 231 -3.55 0.24 21.63
C ALA A 231 -4.49 -0.81 21.06
N GLY A 232 -4.42 -0.99 19.76
CA GLY A 232 -5.19 -2.03 19.11
C GLY A 232 -6.62 -1.62 18.77
N GLU A 233 -7.09 -0.52 19.34
CA GLU A 233 -8.52 -0.19 19.26
C GLU A 233 -8.93 1.18 18.70
N SER A 234 -8.39 2.26 19.25
CA SER A 234 -8.98 3.57 19.00
C SER A 234 -8.05 4.76 19.23
N ILE A 235 -8.48 5.88 18.69
CA ILE A 235 -7.84 7.18 18.89
C ILE A 235 -8.95 8.22 19.22
N LYS A 236 -8.70 9.03 20.24
CA LYS A 236 -9.53 10.24 20.50
C LYS A 236 -8.75 11.44 20.03
N TYR A 237 -9.30 12.09 19.05
CA TYR A 237 -8.74 13.29 18.49
C TYR A 237 -9.40 14.59 19.03
N VAL A 238 -8.58 15.59 19.33
CA VAL A 238 -9.05 16.93 19.70
C VAL A 238 -8.32 17.92 18.82
N PRO A 239 -8.76 19.17 18.71
CA PRO A 239 -8.06 20.08 17.79
C PRO A 239 -6.61 20.32 18.25
N ASN A 240 -5.75 20.45 17.27
CA ASN A 240 -4.36 20.84 17.47
C ASN A 240 -4.25 22.38 17.38
N PRO A 241 -4.07 23.03 18.53
CA PRO A 241 -4.10 24.49 18.55
C PRO A 241 -2.97 25.17 17.80
N TYR A 242 -1.94 24.39 17.51
CA TYR A 242 -0.77 24.91 16.75
C TYR A 242 -0.88 24.76 15.22
N TYR A 243 -1.95 24.16 14.76
CA TYR A 243 -2.13 23.93 13.30
C TYR A 243 -2.18 25.26 12.58
N TRP A 244 -1.49 25.35 11.46
CA TRP A 244 -1.32 26.58 10.70
C TRP A 244 -2.54 26.96 9.86
N GLY A 245 -3.38 25.99 9.61
CA GLY A 245 -4.39 26.11 8.58
C GLY A 245 -5.77 26.37 9.12
N GLU A 246 -6.73 25.94 8.34
CA GLU A 246 -8.13 26.18 8.67
C GLU A 246 -8.45 25.43 9.97
N LYS A 247 -8.94 26.11 10.96
CA LYS A 247 -9.28 25.46 12.19
C LYS A 247 -10.56 24.63 12.08
N PRO A 248 -10.58 23.44 12.65
CA PRO A 248 -11.74 22.58 12.48
C PRO A 248 -13.00 23.12 13.16
N LYS A 249 -14.11 22.69 12.60
CA LYS A 249 -15.45 23.00 13.14
C LYS A 249 -15.74 22.09 14.33
N LEU A 250 -15.27 20.86 14.32
CA LEU A 250 -15.57 19.86 15.35
C LEU A 250 -14.83 20.07 16.66
N ASN A 251 -15.47 19.68 17.75
CA ASN A 251 -14.84 19.55 19.05
C ASN A 251 -13.99 18.30 19.18
N SER A 252 -14.41 17.17 18.63
CA SER A 252 -13.60 15.95 18.76
C SER A 252 -13.97 14.98 17.65
N ILE A 253 -13.10 14.02 17.44
CA ILE A 253 -13.34 12.86 16.60
C ILE A 253 -12.85 11.61 17.30
N THR A 254 -13.65 10.56 17.40
CA THR A 254 -13.17 9.28 17.87
C THR A 254 -13.03 8.39 16.61
N TYR A 255 -11.96 7.64 16.56
CA TYR A 255 -11.70 6.78 15.39
C TYR A 255 -11.35 5.39 15.92
N GLU A 256 -12.17 4.40 15.58
CA GLU A 256 -12.10 3.06 16.18
C GLU A 256 -12.01 1.99 15.12
N VAL A 257 -11.53 0.82 15.39
N VAL A 257 -11.61 0.81 15.49
CA VAL A 257 -11.74 -0.30 14.49
CA VAL A 257 -11.70 -0.39 14.67
C VAL A 257 -13.08 -0.96 14.82
C VAL A 257 -13.04 -1.11 14.88
N VAL A 258 -13.71 -1.52 13.81
CA VAL A 258 -14.92 -2.32 13.92
C VAL A 258 -14.86 -3.54 13.02
N SER A 259 -15.21 -4.73 13.56
CA SER A 259 -15.09 -5.97 12.80
C SER A 259 -16.03 -6.02 11.61
N THR A 260 -15.73 -6.87 10.64
N THR A 260 -15.71 -6.85 10.62
CA THR A 260 -16.58 -7.03 9.49
CA THR A 260 -16.60 -7.05 9.47
C THR A 260 -17.99 -7.53 9.89
C THR A 260 -17.99 -7.48 9.94
N ALA A 261 -18.05 -8.45 10.86
CA ALA A 261 -19.34 -9.06 11.29
C ALA A 261 -20.21 -8.11 12.10
N LYS A 262 -19.63 -7.07 12.65
CA LYS A 262 -20.36 -6.10 13.49
C LYS A 262 -20.67 -4.77 12.78
N SER A 263 -20.19 -4.61 11.57
CA SER A 263 -20.27 -3.30 10.89
C SER A 263 -21.70 -2.82 10.53
N VAL A 264 -22.47 -3.67 9.89
CA VAL A 264 -23.84 -3.26 9.49
C VAL A 264 -24.70 -2.90 10.73
N ALA A 265 -24.61 -3.71 11.76
CA ALA A 265 -25.37 -3.49 13.00
C ALA A 265 -24.92 -2.14 13.61
N ALA A 266 -23.63 -1.82 13.51
CA ALA A 266 -23.12 -0.54 14.02
C ALA A 266 -23.71 0.65 13.29
N LEU A 267 -23.93 0.51 12.00
CA LEU A 267 -24.63 1.54 11.27
C LEU A 267 -26.12 1.58 11.63
N SER A 268 -26.76 0.43 11.78
CA SER A 268 -28.18 0.41 12.13
C SER A 268 -28.43 1.06 13.51
N SER A 269 -27.49 0.93 14.41
CA SER A 269 -27.65 1.48 15.77
C SER A 269 -27.03 2.89 15.92
N SER A 270 -26.50 3.43 14.84
CA SER A 270 -25.82 4.77 14.86
C SER A 270 -24.61 4.82 15.77
N LYS A 271 -23.94 3.72 15.95
CA LYS A 271 -22.71 3.67 16.72
C LYS A 271 -21.59 4.52 16.07
N TYR A 272 -21.58 4.58 14.74
CA TYR A 272 -20.62 5.39 13.97
C TYR A 272 -21.34 6.29 12.99
N ASP A 273 -20.85 7.49 12.81
CA ASP A 273 -21.29 8.41 11.78
C ASP A 273 -20.78 8.02 10.41
N ILE A 274 -19.56 7.48 10.37
CA ILE A 274 -18.87 7.14 9.10
C ILE A 274 -18.15 5.83 9.37
N ILE A 275 -18.17 4.88 8.42
CA ILE A 275 -17.26 3.73 8.41
C ILE A 275 -16.53 3.63 7.08
N ASN A 276 -15.21 3.63 7.17
CA ASN A 276 -14.31 3.48 6.01
C ASN A 276 -13.80 2.06 5.89
N GLY A 277 -13.48 1.68 4.67
CA GLY A 277 -12.92 0.36 4.40
C GLY A 277 -13.86 -0.82 4.34
N MET A 278 -15.17 -0.55 4.22
CA MET A 278 -16.12 -1.65 4.20
C MET A 278 -16.04 -2.51 2.96
N VAL A 279 -16.16 -3.82 3.16
CA VAL A 279 -16.04 -4.81 2.10
C VAL A 279 -17.19 -4.69 1.07
N SER A 280 -16.89 -5.04 -0.15
N SER A 280 -16.89 -5.04 -0.15
CA SER A 280 -17.85 -4.98 -1.26
CA SER A 280 -17.86 -4.99 -1.25
C SER A 280 -19.11 -5.81 -1.01
C SER A 280 -19.13 -5.80 -0.98
N SER A 281 -18.99 -6.91 -0.26
CA SER A 281 -20.13 -7.82 -0.06
C SER A 281 -21.26 -7.19 0.79
N GLN A 282 -20.96 -6.15 1.55
CA GLN A 282 -21.94 -5.46 2.36
C GLN A 282 -22.63 -4.26 1.71
N TYR A 283 -22.25 -3.97 0.49
CA TYR A 283 -22.71 -2.76 -0.21
C TYR A 283 -24.24 -2.64 -0.31
N LYS A 284 -24.89 -3.76 -0.64
CA LYS A 284 -26.37 -3.73 -0.79
C LYS A 284 -27.03 -3.48 0.58
N GLN A 285 -26.58 -4.17 1.61
CA GLN A 285 -27.06 -3.94 2.97
C GLN A 285 -26.94 -2.49 3.37
N VAL A 286 -25.80 -1.88 3.03
CA VAL A 286 -25.54 -0.49 3.39
C VAL A 286 -26.43 0.48 2.63
N LYS A 287 -26.62 0.21 1.36
CA LYS A 287 -27.54 1.06 0.57
C LYS A 287 -28.98 0.89 1.07
N ASN A 288 -29.32 -0.24 1.66
CA ASN A 288 -30.67 -0.57 2.18
C ASN A 288 -30.96 0.27 3.46
N LEU A 289 -29.93 0.80 4.11
CA LEU A 289 -30.14 1.50 5.39
C LEU A 289 -30.73 2.87 5.24
N LYS A 290 -31.60 3.21 6.17
CA LYS A 290 -32.13 4.54 6.24
C LYS A 290 -31.17 5.42 7.10
N GLY A 291 -31.11 6.66 6.72
CA GLY A 291 -30.36 7.64 7.46
C GLY A 291 -28.92 7.88 7.06
N TYR A 292 -28.52 7.25 5.97
CA TYR A 292 -27.13 7.38 5.44
C TYR A 292 -27.11 7.79 3.96
N LYS A 293 -26.11 8.60 3.58
CA LYS A 293 -25.67 8.91 2.23
C LYS A 293 -24.48 7.96 1.93
N VAL A 294 -24.38 7.41 0.76
CA VAL A 294 -23.27 6.51 0.43
C VAL A 294 -22.38 7.15 -0.64
N LEU A 295 -21.16 7.50 -0.25
CA LEU A 295 -20.21 8.14 -1.15
C LEU A 295 -19.41 7.08 -1.88
N GLY A 296 -18.81 7.42 -2.99
CA GLY A 296 -18.04 6.48 -3.83
C GLY A 296 -16.83 7.13 -4.46
N GLN A 297 -15.88 6.30 -4.85
CA GLN A 297 -14.75 6.74 -5.64
C GLN A 297 -14.12 5.52 -6.35
N GLN A 298 -13.43 5.80 -7.44
CA GLN A 298 -12.48 4.82 -7.99
C GLN A 298 -11.38 4.56 -7.00
N ALA A 299 -11.20 3.32 -6.63
CA ALA A 299 -10.19 2.97 -5.61
C ALA A 299 -8.78 3.02 -6.29
N MET A 300 -7.86 3.61 -5.59
CA MET A 300 -6.49 3.55 -6.09
C MET A 300 -5.93 2.25 -5.48
N TYR A 301 -6.25 1.15 -6.16
CA TYR A 301 -6.19 -0.22 -5.56
C TYR A 301 -5.89 -1.28 -6.60
N ILE A 302 -5.18 -2.30 -6.12
CA ILE A 302 -5.04 -3.54 -6.88
C ILE A 302 -4.95 -4.66 -5.88
N SER A 303 -5.63 -5.75 -6.20
CA SER A 303 -5.35 -7.06 -5.57
C SER A 303 -4.70 -8.01 -6.60
N LEU A 304 -3.90 -8.92 -6.07
CA LEU A 304 -3.07 -9.79 -6.89
C LEU A 304 -2.66 -11.01 -6.13
N MET A 305 -2.47 -12.06 -6.89
CA MET A 305 -1.99 -13.30 -6.37
C MET A 305 -0.45 -13.38 -6.58
N TYR A 306 0.26 -13.68 -5.50
CA TYR A 306 1.71 -13.80 -5.47
C TYR A 306 2.16 -15.25 -5.44
N TYR A 307 3.28 -15.51 -6.12
CA TYR A 307 4.00 -16.80 -6.01
C TYR A 307 5.33 -16.57 -5.27
N ASN A 308 5.69 -17.52 -4.41
CA ASN A 308 6.91 -17.39 -3.62
C ASN A 308 8.05 -18.03 -4.41
N LEU A 309 8.98 -17.18 -4.88
CA LEU A 309 10.03 -17.59 -5.81
C LEU A 309 11.45 -17.32 -5.34
N GLY A 310 11.60 -16.83 -4.14
CA GLY A 310 12.94 -16.53 -3.65
C GLY A 310 12.98 -16.07 -2.20
N HIS A 311 14.02 -15.31 -1.89
CA HIS A 311 14.24 -14.72 -0.56
C HIS A 311 14.76 -13.27 -0.71
N TYR A 312 14.77 -12.53 0.40
CA TYR A 312 15.32 -11.16 0.46
C TYR A 312 16.62 -11.18 1.26
N ASP A 313 17.67 -10.71 0.62
CA ASP A 313 19.02 -10.57 1.19
C ASP A 313 19.11 -9.15 1.75
N ALA A 314 19.00 -9.08 3.08
CA ALA A 314 19.01 -7.80 3.80
C ALA A 314 20.38 -7.13 3.77
N LYS A 315 21.42 -7.90 3.82
CA LYS A 315 22.79 -7.34 3.83
C LYS A 315 23.02 -6.51 2.56
N ASN A 316 22.62 -7.06 1.42
CA ASN A 316 22.82 -6.41 0.14
C ASN A 316 21.58 -5.73 -0.42
N SER A 317 20.51 -5.75 0.36
CA SER A 317 19.20 -5.15 -0.03
C SER A 317 18.78 -5.53 -1.42
N ILE A 318 18.60 -6.82 -1.60
CA ILE A 318 18.26 -7.41 -2.92
C ILE A 318 17.41 -8.69 -2.80
N ASN A 319 16.41 -8.73 -3.67
CA ASN A 319 15.63 -9.96 -3.89
C ASN A 319 16.46 -10.94 -4.71
N VAL A 320 16.42 -12.17 -4.23
CA VAL A 320 17.14 -13.26 -4.85
C VAL A 320 16.14 -14.38 -5.23
N GLN A 321 15.99 -14.60 -6.53
CA GLN A 321 14.95 -15.51 -7.05
C GLN A 321 15.49 -16.96 -7.14
N ASP A 322 15.74 -17.57 -6.00
CA ASP A 322 16.46 -18.86 -5.91
C ASP A 322 15.65 -19.96 -5.21
N ARG A 323 14.37 -19.77 -5.02
CA ARG A 323 13.59 -20.80 -4.33
C ARG A 323 13.31 -21.98 -5.24
N LYS A 324 13.50 -23.18 -4.70
CA LYS A 324 13.22 -24.41 -5.45
C LYS A 324 11.76 -24.75 -5.27
N THR A 325 11.01 -24.76 -6.36
CA THR A 325 9.56 -24.97 -6.30
C THR A 325 9.00 -25.28 -7.73
N PRO A 326 7.91 -26.04 -7.82
CA PRO A 326 7.25 -26.19 -9.13
C PRO A 326 6.89 -24.84 -9.79
N LEU A 327 6.70 -23.82 -8.94
CA LEU A 327 6.40 -22.46 -9.43
C LEU A 327 7.53 -21.79 -10.19
N GLN A 328 8.71 -22.40 -10.20
CA GLN A 328 9.79 -21.99 -11.09
C GLN A 328 9.39 -22.21 -12.55
N ASP A 329 8.46 -23.11 -12.81
CA ASP A 329 8.00 -23.43 -14.19
C ASP A 329 6.96 -22.36 -14.61
N GLN A 330 7.33 -21.55 -15.58
CA GLN A 330 6.42 -20.55 -16.14
C GLN A 330 5.03 -21.10 -16.51
N ASN A 331 4.98 -22.27 -17.12
CA ASN A 331 3.66 -22.89 -17.47
C ASN A 331 2.78 -23.13 -16.26
N VAL A 332 3.41 -23.55 -15.16
CA VAL A 332 2.66 -23.75 -13.88
C VAL A 332 2.04 -22.44 -13.35
N ARG A 333 2.87 -21.41 -13.31
CA ARG A 333 2.40 -20.05 -12.86
C ARG A 333 1.22 -19.56 -13.69
N GLN A 334 1.34 -19.71 -15.01
CA GLN A 334 0.29 -19.28 -15.93
C GLN A 334 -0.98 -20.13 -15.75
N ALA A 335 -0.79 -21.45 -15.63
CA ALA A 335 -1.93 -22.39 -15.53
C ALA A 335 -2.78 -22.09 -14.26
N ILE A 336 -2.06 -21.84 -13.16
CA ILE A 336 -2.73 -21.60 -11.88
C ILE A 336 -3.55 -20.27 -11.97
N GLY A 337 -3.03 -19.30 -12.72
CA GLY A 337 -3.77 -18.07 -13.03
C GLY A 337 -5.02 -18.29 -13.91
N TYR A 338 -4.85 -19.09 -14.97
CA TYR A 338 -6.00 -19.36 -15.87
C TYR A 338 -7.12 -20.18 -15.22
N ALA A 339 -6.78 -20.95 -14.21
CA ALA A 339 -7.77 -21.87 -13.57
C ALA A 339 -8.73 -21.11 -12.62
N ARG A 340 -8.33 -19.95 -12.10
CA ARG A 340 -9.25 -19.22 -11.19
C ARG A 340 -10.47 -18.69 -11.97
N ASN A 341 -11.57 -18.58 -11.21
CA ASN A 341 -12.80 -18.02 -11.69
C ASN A 341 -13.15 -16.69 -11.00
N VAL A 342 -12.28 -15.70 -11.23
CA VAL A 342 -12.40 -14.44 -10.51
C VAL A 342 -13.70 -13.70 -10.90
N ALA A 343 -14.08 -13.74 -12.16
CA ALA A 343 -15.34 -13.09 -12.61
C ALA A 343 -16.56 -13.74 -11.92
N GLU A 344 -16.60 -15.07 -11.86
CA GLU A 344 -17.71 -15.72 -11.15
C GLU A 344 -17.76 -15.30 -9.67
N VAL A 345 -16.63 -15.22 -9.00
CA VAL A 345 -16.56 -14.78 -7.59
C VAL A 345 -17.04 -13.35 -7.47
N ASP A 346 -16.55 -12.47 -8.33
CA ASP A 346 -16.95 -11.05 -8.28
C ASP A 346 -18.46 -10.85 -8.55
N ASN A 347 -18.98 -11.61 -9.50
CA ASN A 347 -20.43 -11.59 -9.84
C ASN A 347 -21.26 -12.04 -8.64
N LYS A 348 -20.82 -13.07 -7.96
CA LYS A 348 -21.57 -13.66 -6.84
C LYS A 348 -21.55 -12.81 -5.58
N PHE A 349 -20.42 -12.17 -5.30
CA PHE A 349 -20.21 -11.57 -3.97
C PHE A 349 -20.01 -10.07 -3.93
N SER A 350 -19.53 -9.43 -4.99
CA SER A 350 -18.98 -8.05 -4.86
C SER A 350 -20.00 -6.91 -5.09
N ASN A 351 -21.25 -7.25 -5.39
CA ASN A 351 -22.30 -6.21 -5.61
C ASN A 351 -21.90 -5.17 -6.65
N GLY A 352 -21.21 -5.64 -7.68
CA GLY A 352 -20.78 -4.77 -8.76
C GLY A 352 -19.56 -3.89 -8.50
N LEU A 353 -18.95 -3.97 -7.33
CA LEU A 353 -17.87 -3.05 -6.98
C LEU A 353 -16.50 -3.53 -7.43
N SER A 354 -16.34 -4.83 -7.62
CA SER A 354 -15.03 -5.42 -8.03
C SER A 354 -15.11 -5.85 -9.47
N THR A 355 -14.10 -5.52 -10.23
CA THR A 355 -13.98 -5.89 -11.62
C THR A 355 -12.68 -6.71 -11.81
N PRO A 356 -12.76 -7.87 -12.41
CA PRO A 356 -11.54 -8.68 -12.63
C PRO A 356 -10.51 -7.83 -13.39
N ALA A 357 -9.31 -7.77 -12.85
CA ALA A 357 -8.25 -6.95 -13.43
C ALA A 357 -7.59 -7.66 -14.61
N ASN A 358 -7.29 -6.88 -15.64
CA ASN A 358 -6.52 -7.35 -16.81
C ASN A 358 -5.00 -7.15 -16.67
N SER A 359 -4.64 -6.34 -15.70
CA SER A 359 -3.23 -5.90 -15.48
C SER A 359 -3.09 -5.29 -14.08
N LEU A 360 -1.87 -4.91 -13.75
CA LEU A 360 -1.55 -4.31 -12.46
C LEU A 360 -1.78 -2.79 -12.34
N ILE A 361 -2.11 -2.16 -13.43
CA ILE A 361 -2.33 -0.69 -13.44
C ILE A 361 -3.84 -0.37 -13.42
N PRO A 362 -4.35 0.23 -12.39
CA PRO A 362 -5.79 0.36 -12.25
C PRO A 362 -6.40 1.54 -13.05
N PRO A 363 -7.71 1.51 -13.23
CA PRO A 363 -8.43 2.49 -14.08
C PRO A 363 -8.28 3.93 -13.67
N ILE A 364 -8.10 4.20 -12.39
CA ILE A 364 -7.87 5.59 -11.96
C ILE A 364 -6.70 6.27 -12.73
N PHE A 365 -5.70 5.48 -13.12
CA PHE A 365 -4.57 5.94 -13.93
C PHE A 365 -4.87 5.76 -15.42
N LYS A 366 -5.86 6.50 -15.87
CA LYS A 366 -6.52 6.25 -17.14
C LYS A 366 -5.59 6.44 -18.32
N GLN A 367 -4.63 7.34 -18.19
CA GLN A 367 -3.64 7.63 -19.22
C GLN A 367 -2.72 6.42 -19.53
N PHE A 368 -2.59 5.50 -18.58
CA PHE A 368 -1.60 4.43 -18.70
C PHE A 368 -2.16 3.00 -18.82
N THR A 369 -3.49 2.86 -18.91
CA THR A 369 -4.20 1.57 -19.15
C THR A 369 -4.50 1.36 -20.63
N SER A 370 -4.75 0.11 -21.02
CA SER A 370 -5.06 -0.23 -22.43
C SER A 370 -5.97 -1.45 -22.47
N SER A 371 -7.08 -1.33 -23.20
CA SER A 371 -7.94 -2.47 -23.46
C SER A 371 -7.24 -3.52 -24.34
N SER A 372 -6.15 -3.18 -24.97
CA SER A 372 -5.32 -4.12 -25.57
C SER A 372 -4.89 -5.20 -24.56
N VAL A 373 -4.61 -4.89 -23.30
CA VAL A 373 -3.87 -5.84 -22.47
C VAL A 373 -4.79 -6.92 -21.93
N LYS A 374 -4.40 -8.15 -22.21
CA LYS A 374 -5.12 -9.34 -21.79
C LYS A 374 -4.33 -10.02 -20.67
N GLY A 375 -5.06 -10.36 -19.64
CA GLY A 375 -4.53 -11.04 -18.49
C GLY A 375 -5.29 -12.34 -18.22
N TYR A 376 -5.67 -12.52 -16.97
CA TYR A 376 -6.24 -13.78 -16.45
C TYR A 376 -7.66 -13.52 -15.99
N GLU A 377 -8.26 -12.47 -16.54
CA GLU A 377 -9.61 -12.06 -16.16
C GLU A 377 -10.76 -13.02 -16.63
N LYS A 378 -10.41 -13.91 -17.56
CA LYS A 378 -11.34 -14.95 -18.03
C LYS A 378 -10.80 -16.32 -17.69
N GLN A 379 -11.61 -17.12 -17.01
CA GLN A 379 -11.22 -18.48 -16.67
C GLN A 379 -10.95 -19.27 -17.96
N ASP A 380 -9.88 -20.04 -17.99
CA ASP A 380 -9.59 -20.92 -19.14
C ASP A 380 -8.97 -22.22 -18.62
N LEU A 381 -9.83 -23.12 -18.18
CA LEU A 381 -9.40 -24.42 -17.65
C LEU A 381 -8.75 -25.30 -18.74
N ASP A 382 -9.25 -25.21 -19.96
CA ASP A 382 -8.65 -25.99 -21.04
C ASP A 382 -7.19 -25.55 -21.30
N LYS A 383 -6.97 -24.24 -21.36
CA LYS A 383 -5.59 -23.71 -21.54
C LYS A 383 -4.65 -24.10 -20.39
N ALA A 384 -5.16 -24.00 -19.17
CA ALA A 384 -4.40 -24.39 -18.00
C ALA A 384 -3.95 -25.85 -18.07
N ASN A 385 -4.90 -26.74 -18.34
CA ASN A 385 -4.57 -28.18 -18.48
C ASN A 385 -3.56 -28.44 -19.65
N LYS A 386 -3.74 -27.76 -20.76
CA LYS A 386 -2.83 -27.88 -21.93
C LYS A 386 -1.40 -27.45 -21.52
N LEU A 387 -1.28 -26.29 -20.84
CA LEU A 387 0.01 -25.78 -20.41
C LEU A 387 0.74 -26.78 -19.54
N LEU A 388 0.00 -27.40 -18.63
CA LEU A 388 0.60 -28.36 -17.70
C LEU A 388 1.00 -29.66 -18.42
N ASP A 389 0.14 -30.15 -19.32
CA ASP A 389 0.45 -31.33 -20.14
C ASP A 389 1.73 -31.07 -20.95
N GLU A 390 1.79 -29.92 -21.61
CA GLU A 390 2.95 -29.52 -22.45
C GLU A 390 4.24 -29.40 -21.66
N ASP A 391 4.16 -29.08 -20.37
CA ASP A 391 5.31 -28.90 -19.50
C ASP A 391 5.71 -30.16 -18.73
N GLY A 392 5.10 -31.29 -19.03
CA GLY A 392 5.49 -32.53 -18.41
C GLY A 392 4.90 -32.84 -17.05
N TRP A 393 3.89 -32.08 -16.66
CA TRP A 393 3.20 -32.33 -15.39
C TRP A 393 2.01 -33.27 -15.72
N LYS A 394 2.29 -34.56 -15.75
CA LYS A 394 1.33 -35.57 -16.21
C LYS A 394 0.36 -35.95 -15.12
N LEU A 395 -0.88 -36.00 -15.47
CA LEU A 395 -1.92 -36.41 -14.55
C LEU A 395 -1.82 -37.87 -14.10
N ASN A 396 -1.78 -38.07 -12.79
CA ASN A 396 -1.97 -39.39 -12.21
C ASN A 396 -3.47 -39.61 -12.04
N LYS A 397 -4.02 -40.50 -12.85
CA LYS A 397 -5.46 -40.76 -12.84
C LYS A 397 -5.96 -41.51 -11.58
N SER A 398 -5.07 -42.07 -10.80
CA SER A 398 -5.50 -42.68 -9.53
C SER A 398 -5.81 -41.57 -8.51
N THR A 399 -4.92 -40.59 -8.43
CA THR A 399 -5.02 -39.55 -7.35
C THR A 399 -5.74 -38.31 -7.83
N GLY A 400 -5.80 -38.09 -9.12
CA GLY A 400 -6.35 -36.85 -9.68
C GLY A 400 -5.42 -35.63 -9.70
N TYR A 401 -4.18 -35.86 -9.37
CA TYR A 401 -3.19 -34.77 -9.36
C TYR A 401 -2.00 -35.10 -10.26
N ARG A 402 -1.38 -34.03 -10.71
CA ARG A 402 -0.24 -34.11 -11.63
C ARG A 402 1.10 -34.32 -10.93
N GLU A 403 2.04 -34.91 -11.68
CA GLU A 403 3.36 -35.25 -11.17
C GLU A 403 4.40 -35.03 -12.29
N LYS A 404 5.62 -34.74 -11.88
CA LYS A 404 6.74 -34.61 -12.79
C LYS A 404 7.93 -35.31 -12.14
N ASP A 405 8.39 -36.37 -12.77
CA ASP A 405 9.48 -37.21 -12.27
C ASP A 405 9.26 -37.56 -10.80
N GLY A 406 8.07 -38.02 -10.48
CA GLY A 406 7.71 -38.38 -9.13
C GLY A 406 7.31 -37.26 -8.15
N LYS A 407 7.64 -36.01 -8.44
CA LYS A 407 7.23 -34.84 -7.59
C LYS A 407 5.72 -34.59 -7.80
N GLU A 408 4.93 -34.62 -6.72
N GLU A 408 4.96 -34.55 -6.71
CA GLU A 408 3.50 -34.28 -6.83
CA GLU A 408 3.53 -34.26 -6.77
C GLU A 408 3.34 -32.77 -6.85
C GLU A 408 3.32 -32.76 -6.81
N LEU A 409 2.42 -32.30 -7.69
CA LEU A 409 2.16 -30.87 -7.83
C LEU A 409 1.24 -30.41 -6.68
N SER A 410 1.85 -30.21 -5.52
N SER A 410 1.87 -30.14 -5.53
CA SER A 410 1.15 -29.81 -4.30
CA SER A 410 1.19 -29.83 -4.27
C SER A 410 1.74 -28.50 -3.81
C SER A 410 1.75 -28.55 -3.64
N LEU A 411 0.87 -27.59 -3.40
CA LEU A 411 1.27 -26.23 -2.99
C LEU A 411 0.46 -25.78 -1.76
N VAL A 412 1.09 -24.89 -1.03
CA VAL A 412 0.47 -24.27 0.14
C VAL A 412 -0.01 -22.86 -0.20
N TYR A 413 -1.28 -22.62 0.10
CA TYR A 413 -1.94 -21.34 -0.17
C TYR A 413 -2.18 -20.61 1.14
N ALA A 414 -1.40 -19.56 1.35
CA ALA A 414 -1.57 -18.68 2.54
C ALA A 414 -2.72 -17.65 2.31
N ALA A 415 -3.94 -18.15 2.24
CA ALA A 415 -5.12 -17.31 2.11
C ALA A 415 -5.34 -16.57 3.42
N ARG A 416 -5.88 -15.37 3.26
CA ARG A 416 -6.09 -14.44 4.38
C ARG A 416 -7.54 -14.42 4.89
N VAL A 417 -7.66 -14.06 6.16
CA VAL A 417 -8.95 -13.80 6.78
C VAL A 417 -9.56 -12.65 5.97
N GLY A 418 -10.88 -12.72 5.79
CA GLY A 418 -11.65 -11.61 5.24
C GLY A 418 -13.03 -11.56 5.86
N ASP A 419 -14.01 -11.31 4.99
CA ASP A 419 -15.42 -11.24 5.39
C ASP A 419 -16.00 -12.63 5.50
N ALA A 420 -17.32 -12.69 5.69
CA ALA A 420 -17.98 -13.97 5.92
C ALA A 420 -17.88 -14.96 4.74
N ASN A 421 -17.52 -14.45 3.58
CA ASN A 421 -17.35 -15.30 2.41
C ASN A 421 -15.91 -15.77 2.11
N ALA A 422 -14.95 -15.30 2.90
CA ALA A 422 -13.53 -15.55 2.57
C ALA A 422 -13.19 -17.05 2.55
N GLU A 423 -13.71 -17.82 3.48
CA GLU A 423 -13.45 -19.27 3.50
C GLU A 423 -14.04 -19.95 2.23
N THR A 424 -15.25 -19.57 1.92
CA THR A 424 -15.95 -20.09 0.75
C THR A 424 -15.15 -19.78 -0.54
N ILE A 425 -14.68 -18.56 -0.65
CA ILE A 425 -13.97 -18.11 -1.86
C ILE A 425 -12.63 -18.84 -1.97
N ALA A 426 -11.88 -18.94 -0.88
CA ALA A 426 -10.60 -19.68 -0.91
C ALA A 426 -10.80 -21.15 -1.28
N GLN A 427 -11.79 -21.82 -0.70
CA GLN A 427 -12.09 -23.21 -1.05
C GLN A 427 -12.54 -23.34 -2.51
N ASN A 428 -13.29 -22.36 -2.98
CA ASN A 428 -13.66 -22.27 -4.40
C ASN A 428 -12.42 -22.28 -5.35
N TYR A 429 -11.38 -21.51 -5.01
CA TYR A 429 -10.13 -21.55 -5.81
C TYR A 429 -9.41 -22.91 -5.68
N ILE A 430 -9.36 -23.47 -4.48
CA ILE A 430 -8.81 -24.80 -4.28
C ILE A 430 -9.53 -25.84 -5.20
N GLN A 431 -10.84 -25.74 -5.26
CA GLN A 431 -11.66 -26.56 -6.15
C GLN A 431 -11.31 -26.32 -7.61
N GLN A 432 -11.09 -25.09 -8.05
CA GLN A 432 -10.69 -24.87 -9.44
C GLN A 432 -9.30 -25.49 -9.73
N TRP A 433 -8.38 -25.35 -8.78
CA TRP A 433 -7.06 -25.90 -8.94
C TRP A 433 -7.06 -27.46 -9.00
N LYS A 434 -7.95 -28.06 -8.23
CA LYS A 434 -8.14 -29.51 -8.33
C LYS A 434 -8.59 -29.93 -9.76
N LYS A 435 -9.43 -29.12 -10.38
CA LYS A 435 -9.84 -29.39 -11.79
C LYS A 435 -8.66 -29.46 -12.74
N ILE A 436 -7.57 -28.76 -12.44
CA ILE A 436 -6.36 -28.81 -13.31
C ILE A 436 -5.23 -29.68 -12.75
N GLY A 437 -5.54 -30.46 -11.74
CA GLY A 437 -4.61 -31.42 -11.17
C GLY A 437 -3.52 -30.85 -10.26
N VAL A 438 -3.85 -29.73 -9.66
CA VAL A 438 -2.97 -29.09 -8.67
C VAL A 438 -3.61 -29.22 -7.29
N LYS A 439 -2.87 -29.80 -6.37
CA LYS A 439 -3.31 -29.97 -5.00
C LYS A 439 -2.86 -28.76 -4.16
N VAL A 440 -3.84 -28.03 -3.67
CA VAL A 440 -3.57 -26.80 -2.91
C VAL A 440 -4.24 -26.91 -1.53
N SER A 441 -3.50 -26.61 -0.49
N SER A 441 -3.48 -26.57 -0.50
CA SER A 441 -4.04 -26.65 0.87
CA SER A 441 -3.88 -26.67 0.90
C SER A 441 -3.69 -25.37 1.61
C SER A 441 -3.71 -25.32 1.57
N LEU A 442 -4.61 -24.96 2.51
CA LEU A 442 -4.45 -23.74 3.30
C LEU A 442 -3.25 -23.84 4.22
N TYR A 443 -2.57 -22.72 4.45
CA TYR A 443 -1.49 -22.63 5.42
C TYR A 443 -2.03 -22.94 6.83
N ASN A 444 -1.50 -23.99 7.40
CA ASN A 444 -1.93 -24.51 8.73
C ASN A 444 -3.43 -24.84 8.78
N GLY A 445 -4.01 -25.13 7.63
CA GLY A 445 -5.41 -25.58 7.55
C GLY A 445 -6.43 -24.52 7.84
N LYS A 446 -6.04 -23.24 7.79
CA LYS A 446 -6.96 -22.15 8.09
C LYS A 446 -6.54 -20.86 7.37
N LEU A 447 -7.39 -19.87 7.46
CA LEU A 447 -7.08 -18.53 6.93
C LEU A 447 -6.18 -17.78 7.88
N MET A 448 -5.31 -16.95 7.33
CA MET A 448 -4.28 -16.28 8.12
C MET A 448 -4.71 -14.87 8.54
N GLU A 449 -4.56 -14.59 9.82
CA GLU A 449 -4.85 -13.24 10.39
C GLU A 449 -3.92 -12.16 9.75
N PHE A 450 -4.49 -11.00 9.52
CA PHE A 450 -3.82 -9.97 8.72
C PHE A 450 -2.45 -9.46 9.25
N ASN A 451 -2.39 -9.09 10.54
CA ASN A 451 -1.12 -8.61 11.08
C ASN A 451 -0.03 -9.71 11.01
N SER A 452 -0.41 -10.93 11.30
N SER A 452 -0.39 -10.94 11.27
CA SER A 452 0.50 -12.08 11.17
CA SER A 452 0.58 -12.03 11.18
C SER A 452 1.00 -12.23 9.72
C SER A 452 0.99 -12.30 9.72
N TRP A 453 0.08 -12.10 8.79
CA TRP A 453 0.41 -12.22 7.36
C TRP A 453 1.42 -11.14 6.93
N VAL A 454 1.20 -9.91 7.37
CA VAL A 454 2.11 -8.81 7.05
C VAL A 454 3.52 -9.13 7.59
N ASP A 455 3.60 -9.63 8.83
CA ASP A 455 4.91 -10.03 9.43
C ASP A 455 5.55 -11.12 8.55
N HIS A 456 4.77 -12.12 8.21
CA HIS A 456 5.27 -13.23 7.36
C HIS A 456 5.84 -12.75 6.03
N MET A 457 5.19 -11.77 5.43
CA MET A 457 5.57 -11.26 4.10
C MET A 457 6.80 -10.39 4.16
N THR A 458 6.92 -9.60 5.23
CA THR A 458 7.95 -8.52 5.27
C THR A 458 9.24 -8.88 5.99
N THR A 459 9.18 -9.76 6.94
CA THR A 459 10.36 -10.01 7.78
C THR A 459 11.48 -10.77 7.01
N PRO A 460 12.65 -10.16 6.86
CA PRO A 460 13.71 -10.83 6.10
C PRO A 460 14.17 -12.13 6.83
N PRO A 461 14.57 -13.14 6.10
CA PRO A 461 14.76 -13.15 4.65
C PRO A 461 13.51 -13.58 3.80
N GLY A 462 12.34 -13.55 4.43
CA GLY A 462 11.13 -14.14 3.88
C GLY A 462 11.06 -15.62 4.29
N ALA A 463 9.87 -16.15 4.21
CA ALA A 463 9.56 -17.53 4.62
C ALA A 463 9.57 -18.48 3.43
N ASN A 464 9.84 -19.73 3.68
CA ASN A 464 9.94 -20.70 2.65
C ASN A 464 8.77 -21.67 2.68
N ASP A 465 7.76 -21.40 3.48
CA ASP A 465 6.67 -22.34 3.82
C ASP A 465 5.28 -21.98 3.29
N TRP A 466 5.29 -21.12 2.30
CA TRP A 466 4.11 -20.82 1.50
C TRP A 466 4.51 -20.76 0.02
N ASP A 467 3.52 -21.06 -0.83
CA ASP A 467 3.68 -21.01 -2.27
C ASP A 467 2.85 -19.94 -2.99
N ILE A 468 1.59 -19.81 -2.58
CA ILE A 468 0.64 -18.87 -3.20
C ILE A 468 0.09 -18.05 -2.04
N THR A 469 -0.08 -16.75 -2.25
CA THR A 469 -0.81 -15.89 -1.31
C THR A 469 -1.51 -14.81 -2.14
N ASP A 470 -2.37 -14.06 -1.47
CA ASP A 470 -3.11 -12.91 -2.03
C ASP A 470 -2.67 -11.67 -1.30
N GLY A 471 -2.33 -10.64 -2.06
CA GLY A 471 -2.04 -9.34 -1.49
C GLY A 471 -3.05 -8.31 -2.04
N SER A 472 -3.16 -7.21 -1.34
N SER A 472 -3.08 -7.18 -1.40
CA SER A 472 -3.97 -6.07 -1.79
CA SER A 472 -3.84 -6.07 -1.94
C SER A 472 -3.21 -4.81 -1.43
C SER A 472 -3.25 -4.79 -1.42
N TRP A 473 -3.30 -3.79 -2.27
CA TRP A 473 -2.61 -2.54 -2.05
C TRP A 473 -3.53 -1.35 -2.22
N SER A 474 -3.47 -0.43 -1.27
N SER A 474 -3.47 -0.45 -1.24
CA SER A 474 -3.90 0.93 -1.47
CA SER A 474 -3.83 0.94 -1.41
C SER A 474 -2.68 1.64 -2.07
C SER A 474 -2.61 1.55 -2.10
N LEU A 475 -2.73 1.82 -3.37
CA LEU A 475 -1.59 2.26 -4.16
C LEU A 475 -1.24 3.75 -3.94
N ALA A 476 0.04 4.04 -4.14
CA ALA A 476 0.52 5.43 -4.19
C ALA A 476 -0.16 6.12 -5.36
N SER A 477 -0.34 7.42 -5.23
CA SER A 477 -1.10 8.17 -6.23
C SER A 477 -0.31 8.56 -7.47
N GLU A 478 0.77 7.84 -7.78
CA GLU A 478 1.48 7.98 -9.06
C GLU A 478 1.68 6.55 -9.57
N PRO A 479 1.51 6.30 -10.85
CA PRO A 479 1.37 4.89 -11.28
C PRO A 479 2.63 3.96 -11.31
N SER A 480 3.83 4.53 -11.22
CA SER A 480 5.05 3.71 -11.16
C SER A 480 4.98 2.70 -10.00
N GLN A 481 5.36 1.48 -10.31
CA GLN A 481 5.36 0.38 -9.33
C GLN A 481 6.76 -0.06 -8.90
N GLN A 482 7.75 0.82 -9.04
CA GLN A 482 9.08 0.59 -8.44
C GLN A 482 8.98 0.23 -6.98
N ASP A 483 8.06 0.85 -6.24
CA ASP A 483 8.06 0.65 -4.78
C ASP A 483 7.30 -0.64 -4.38
N LEU A 484 6.72 -1.33 -5.33
CA LEU A 484 6.16 -2.69 -5.15
C LEU A 484 7.12 -3.81 -5.60
N PHE A 485 7.86 -3.57 -6.67
CA PHE A 485 8.55 -4.69 -7.37
C PHE A 485 10.06 -4.50 -7.62
N SER A 486 10.62 -3.34 -7.33
CA SER A 486 12.06 -3.15 -7.61
C SER A 486 12.90 -4.16 -6.79
N ALA A 487 14.04 -4.49 -7.39
CA ALA A 487 14.91 -5.52 -6.87
C ALA A 487 15.31 -5.28 -5.39
N ALA A 488 15.48 -4.02 -5.01
CA ALA A 488 15.88 -3.71 -3.62
C ALA A 488 14.75 -3.65 -2.58
N ALA A 489 13.50 -3.78 -3.02
CA ALA A 489 12.35 -3.57 -2.14
C ALA A 489 11.86 -4.86 -1.44
N PRO A 490 11.78 -4.88 -0.12
CA PRO A 490 11.14 -5.99 0.60
C PRO A 490 9.63 -6.12 0.27
N TYR A 491 9.03 -5.07 -0.30
CA TYR A 491 7.61 -5.16 -0.71
C TYR A 491 7.37 -6.10 -1.93
N ASN A 492 8.44 -6.54 -2.60
CA ASN A 492 8.38 -7.62 -3.58
C ASN A 492 8.31 -8.93 -2.80
N PHE A 493 7.09 -9.31 -2.42
CA PHE A 493 6.85 -10.39 -1.41
C PHE A 493 7.22 -11.77 -1.86
N GLY A 494 7.12 -12.01 -3.15
CA GLY A 494 7.56 -13.28 -3.74
C GLY A 494 9.02 -13.34 -4.17
N HIS A 495 9.73 -12.20 -4.14
CA HIS A 495 11.20 -12.07 -4.33
C HIS A 495 11.67 -12.52 -5.74
N PHE A 496 10.93 -12.09 -6.74
CA PHE A 496 11.45 -12.23 -8.11
C PHE A 496 12.48 -11.11 -8.35
N ASN A 497 13.38 -11.43 -9.25
CA ASN A 497 14.45 -10.51 -9.67
C ASN A 497 14.80 -10.87 -11.10
N ASP A 498 14.28 -10.08 -12.01
CA ASP A 498 14.22 -10.44 -13.42
C ASP A 498 14.66 -9.24 -14.26
N SER A 499 15.62 -9.47 -15.13
CA SER A 499 16.21 -8.34 -15.90
C SER A 499 15.18 -7.64 -16.79
N GLU A 500 14.29 -8.40 -17.42
N GLU A 500 14.29 -8.38 -17.42
CA GLU A 500 13.26 -7.81 -18.28
CA GLU A 500 13.31 -7.73 -18.28
C GLU A 500 12.35 -6.88 -17.48
C GLU A 500 12.34 -6.87 -17.47
N ILE A 501 11.87 -7.37 -16.34
CA ILE A 501 11.00 -6.57 -15.44
C ILE A 501 11.70 -5.33 -14.89
N THR A 502 12.90 -5.50 -14.41
CA THR A 502 13.73 -4.40 -13.89
C THR A 502 13.94 -3.32 -14.99
N LYS A 503 14.28 -3.74 -16.24
N LYS A 503 14.28 -3.76 -16.23
CA LYS A 503 14.40 -2.77 -17.32
CA LYS A 503 14.38 -2.83 -17.37
C LYS A 503 13.06 -2.12 -17.66
C LYS A 503 13.06 -2.12 -17.62
N ASP A 504 11.92 -2.88 -17.61
CA ASP A 504 10.60 -2.30 -17.79
C ASP A 504 10.34 -1.19 -16.77
N LEU A 505 10.53 -1.52 -15.49
CA LEU A 505 10.27 -0.59 -14.37
C LEU A 505 11.11 0.69 -14.56
N ASN A 506 12.38 0.51 -14.90
CA ASN A 506 13.29 1.66 -15.10
C ASN A 506 12.88 2.47 -16.34
N ASP A 507 12.48 1.78 -17.41
CA ASP A 507 12.09 2.49 -18.67
C ASP A 507 10.91 3.45 -18.42
N ILE A 508 9.93 3.01 -17.62
CA ILE A 508 8.75 3.81 -17.25
C ILE A 508 9.14 5.16 -16.62
N ASP A 509 10.23 5.12 -15.86
CA ASP A 509 10.66 6.32 -15.11
C ASP A 509 11.91 6.97 -15.69
N SER A 510 12.33 6.53 -16.86
CA SER A 510 13.52 7.07 -17.53
C SER A 510 13.28 8.49 -18.12
N ALA A 511 14.42 9.10 -18.47
CA ALA A 511 14.42 10.40 -19.16
C ALA A 511 13.63 10.33 -20.48
N LYS A 512 13.67 9.17 -21.15
CA LYS A 512 12.87 9.02 -22.39
C LYS A 512 11.36 9.10 -22.11
N SER A 513 10.95 8.66 -20.91
CA SER A 513 9.55 8.71 -20.47
C SER A 513 9.05 10.13 -20.08
N GLU A 514 9.91 11.13 -20.24
N GLU A 514 9.89 11.16 -20.22
CA GLU A 514 9.45 12.51 -20.22
CA GLU A 514 9.35 12.53 -20.20
C GLU A 514 8.62 12.89 -21.47
C GLU A 514 8.45 12.81 -21.42
N ASN A 515 8.65 12.03 -22.50
CA ASN A 515 7.66 12.06 -23.61
C ASN A 515 6.52 11.06 -23.20
N PRO A 516 5.33 11.58 -22.90
CA PRO A 516 4.25 10.69 -22.47
C PRO A 516 3.89 9.55 -23.46
N THR A 517 4.10 9.77 -24.75
CA THR A 517 3.92 8.71 -25.75
C THR A 517 4.83 7.51 -25.41
N TYR A 518 6.09 7.82 -25.12
CA TYR A 518 7.10 6.80 -24.77
C TYR A 518 6.72 6.13 -23.41
N ARG A 519 6.30 6.93 -22.45
CA ARG A 519 5.91 6.38 -21.15
C ARG A 519 4.67 5.50 -21.25
N LYS A 520 3.71 5.87 -22.07
CA LYS A 520 2.56 4.99 -22.28
C LYS A 520 2.96 3.62 -22.85
N ALA A 521 3.80 3.60 -23.86
CA ALA A 521 4.31 2.33 -24.42
C ALA A 521 5.12 1.53 -23.41
N ALA A 522 5.90 2.21 -22.59
CA ALA A 522 6.62 1.52 -21.54
C ALA A 522 5.67 0.90 -20.51
N PHE A 523 4.62 1.61 -20.15
CA PHE A 523 3.60 1.06 -19.24
C PHE A 523 2.88 -0.15 -19.87
N VAL A 524 2.59 -0.09 -21.15
CA VAL A 524 1.92 -1.24 -21.82
C VAL A 524 2.87 -2.47 -21.80
N LYS A 525 4.11 -2.25 -22.16
CA LYS A 525 5.12 -3.35 -22.20
C LYS A 525 5.27 -4.01 -20.83
N TYR A 526 5.38 -3.19 -19.79
CA TYR A 526 5.42 -3.67 -18.41
C TYR A 526 4.19 -4.52 -18.04
N GLN A 527 3.01 -4.03 -18.38
CA GLN A 527 1.78 -4.79 -18.10
C GLN A 527 1.75 -6.16 -18.83
N GLU A 528 2.12 -6.15 -20.10
CA GLU A 528 2.17 -7.38 -20.88
C GLU A 528 3.25 -8.32 -20.33
N ASP A 529 4.42 -7.78 -20.00
CA ASP A 529 5.53 -8.63 -19.56
C ASP A 529 5.24 -9.26 -18.17
N MET A 530 4.62 -8.52 -17.28
CA MET A 530 4.29 -9.04 -15.96
C MET A 530 3.26 -10.17 -16.12
N ASN A 531 2.30 -10.00 -17.02
CA ASN A 531 1.29 -11.06 -17.23
C ASN A 531 1.94 -12.35 -17.85
N LYS A 532 2.87 -12.19 -18.78
CA LYS A 532 3.54 -13.36 -19.41
C LYS A 532 4.49 -14.07 -18.44
N LYS A 533 5.29 -13.30 -17.71
CA LYS A 533 6.20 -13.89 -16.72
C LYS A 533 5.38 -14.57 -15.60
N ALA A 534 4.30 -13.93 -15.22
CA ALA A 534 3.33 -14.50 -14.29
C ALA A 534 3.99 -14.81 -12.92
N TYR A 535 4.88 -13.92 -12.51
CA TYR A 535 5.38 -13.97 -11.14
C TYR A 535 4.30 -13.54 -10.15
N VAL A 536 3.38 -12.69 -10.64
CA VAL A 536 2.16 -12.34 -9.90
C VAL A 536 1.04 -12.35 -10.94
N ILE A 537 -0.17 -12.54 -10.45
CA ILE A 537 -1.36 -12.56 -11.30
C ILE A 537 -2.34 -11.46 -10.77
N PRO A 538 -2.71 -10.52 -11.65
CA PRO A 538 -3.63 -9.46 -11.20
C PRO A 538 -4.98 -10.10 -10.85
N THR A 539 -5.63 -9.63 -9.83
CA THR A 539 -6.95 -10.19 -9.39
C THR A 539 -8.09 -9.20 -9.70
N ASN A 540 -8.21 -8.18 -8.87
CA ASN A 540 -9.30 -7.16 -8.99
C ASN A 540 -8.88 -5.68 -8.97
N PHE A 541 -9.67 -4.90 -9.71
CA PHE A 541 -9.83 -3.47 -9.53
C PHE A 541 -11.14 -3.27 -8.73
N MET A 542 -11.27 -2.11 -8.14
CA MET A 542 -12.41 -1.83 -7.26
C MET A 542 -12.84 -0.39 -7.25
N LEU A 543 -14.11 -0.23 -6.87
CA LEU A 543 -14.66 1.04 -6.38
C LEU A 543 -14.79 0.96 -4.87
N ASN A 544 -14.44 2.03 -4.18
CA ASN A 544 -14.67 2.19 -2.76
C ASN A 544 -16.05 2.83 -2.51
N TYR A 545 -16.61 2.58 -1.32
CA TYR A 545 -17.80 3.29 -0.84
C TYR A 545 -17.63 3.56 0.64
N THR A 546 -18.29 4.62 1.10
CA THR A 546 -18.30 4.99 2.53
C THR A 546 -19.69 5.48 2.87
N PRO A 547 -20.38 4.85 3.78
CA PRO A 547 -21.62 5.43 4.30
C PRO A 547 -21.36 6.58 5.31
N VAL A 548 -22.19 7.61 5.21
CA VAL A 548 -22.08 8.82 6.00
C VAL A 548 -23.47 9.17 6.57
N ASN A 549 -23.59 9.26 7.88
CA ASN A 549 -24.86 9.63 8.55
C ASN A 549 -25.29 10.98 8.01
N LYS A 550 -26.59 11.12 7.76
CA LYS A 550 -27.12 12.38 7.23
C LYS A 550 -26.92 13.63 8.11
N ARG A 551 -26.59 13.44 9.37
CA ARG A 551 -26.30 14.56 10.23
C ARG A 551 -24.93 15.23 9.90
N VAL A 552 -24.07 14.49 9.19
CA VAL A 552 -22.72 14.98 8.86
C VAL A 552 -22.69 15.83 7.61
N VAL A 553 -22.05 16.97 7.66
CA VAL A 553 -21.89 17.80 6.52
C VAL A 553 -20.39 17.94 6.25
N GLY A 554 -20.01 18.00 4.99
CA GLY A 554 -18.62 18.25 4.62
C GLY A 554 -17.75 17.01 4.37
N MET A 555 -18.28 15.82 4.51
CA MET A 555 -17.51 14.64 4.20
C MET A 555 -17.51 14.41 2.66
N THR A 556 -16.40 13.87 2.16
CA THR A 556 -16.28 13.70 0.70
C THR A 556 -15.32 12.58 0.40
N LEU A 557 -15.49 11.98 -0.77
CA LEU A 557 -14.51 11.04 -1.32
C LEU A 557 -13.87 11.59 -2.62
N ASP A 558 -14.04 12.87 -2.86
CA ASP A 558 -13.49 13.51 -4.03
C ASP A 558 -11.98 13.65 -3.88
N TYR A 559 -11.25 13.32 -4.94
CA TYR A 559 -9.82 13.52 -4.92
C TYR A 559 -9.54 14.99 -5.10
N GLY A 560 -8.47 15.44 -4.52
CA GLY A 560 -8.25 16.88 -4.54
C GLY A 560 -8.87 17.73 -3.39
N ALA A 561 -9.66 17.10 -2.52
CA ALA A 561 -10.14 17.79 -1.34
C ALA A 561 -9.05 17.79 -0.28
N MET A 562 -8.58 18.97 0.06
CA MET A 562 -7.40 19.10 0.94
C MET A 562 -7.69 19.45 2.42
N ASN A 563 -8.92 19.79 2.72
CA ASN A 563 -9.29 20.30 4.05
C ASN A 563 -10.49 19.64 4.65
N THR A 564 -10.75 18.42 4.24
CA THR A 564 -11.91 17.69 4.74
C THR A 564 -12.03 17.71 6.28
N TRP A 565 -10.96 17.40 7.00
CA TRP A 565 -11.07 17.31 8.47
C TRP A 565 -11.38 18.65 9.14
N SER A 566 -11.05 19.74 8.51
CA SER A 566 -11.43 21.08 9.00
C SER A 566 -12.83 21.52 8.55
N GLU A 567 -13.33 20.91 7.50
CA GLU A 567 -14.64 21.24 6.94
C GLU A 567 -15.79 20.42 7.49
N ILE A 568 -15.54 19.22 7.97
CA ILE A 568 -16.62 18.38 8.44
C ILE A 568 -17.22 19.00 9.72
N GLY A 569 -18.53 18.91 9.77
CA GLY A 569 -19.30 19.32 10.91
C GLY A 569 -20.57 18.51 11.01
N VAL A 570 -21.31 18.73 12.10
N VAL A 570 -21.29 18.73 12.11
CA VAL A 570 -22.58 18.08 12.30
CA VAL A 570 -22.57 18.08 12.34
C VAL A 570 -23.70 19.10 12.15
C VAL A 570 -23.55 19.06 12.98
N ALA B 1 2.49 10.50 -0.01
CA ALA B 1 1.64 9.46 -0.56
C ALA B 1 2.50 8.19 -0.83
N SER B 2 2.00 7.05 -0.40
CA SER B 2 2.80 5.83 -0.46
C SER B 2 1.89 4.61 -0.64
N ASN B 3 2.49 3.51 -1.01
CA ASN B 3 1.80 2.22 -1.10
C ASN B 3 1.60 1.65 0.29
N SER B 4 0.39 1.16 0.57
CA SER B 4 0.03 0.56 1.86
C SER B 4 -0.69 -0.77 1.64
N ILE B 5 -0.36 -1.73 2.47
CA ILE B 5 -0.99 -3.05 2.44
C ILE B 5 -2.40 -2.99 3.00
N ALA B 6 -3.35 -3.43 2.21
CA ALA B 6 -4.75 -3.38 2.58
C ALA B 6 -5.22 -4.77 3.05
N SER B 7 -6.15 -4.79 3.99
CA SER B 7 -6.64 -6.06 4.55
C SER B 7 -7.62 -6.81 3.66
N GLY B 8 -8.31 -6.13 2.78
CA GLY B 8 -9.28 -6.83 1.95
C GLY B 8 -8.62 -7.21 0.67
#